data_6NTP
#
_entry.id   6NTP
#
_cell.length_a   89.254
_cell.length_b   89.254
_cell.length_c   105.747
_cell.angle_alpha   90.00
_cell.angle_beta   90.00
_cell.angle_gamma   120.00
#
_symmetry.space_group_name_H-M   'P 31 2 1'
#
loop_
_entity.id
_entity.type
_entity.pdbx_description
1 polymer 'Tyrosine-protein phosphatase non-receptor type 1,NPH1-1'
2 non-polymer 'MAGNESIUM ION'
3 water water
#
_entity_poly.entity_id   1
_entity_poly.type   'polypeptide(L)'
_entity_poly.pdbx_seq_one_letter_code
;MEMEKEFEQIDKSGSWAAIYQDIRHEASDFPCRVAKLPKNKNRNRYRDVSPFDHSRIKLHQEDNDYINASLIKMEEAQRS
YILTQGPLPNTCGHFWEMVWEQKSRGVVMLNRVMEKGSLKCAQYWPQKEEKEMIFEDTNLKLTLISEDIKSYYTVRQLEL
ENLTTQETREILHFHYTTWPDFGVPESPASFLNFLFKVRESGSLSPEHGPVVVHCSAGIGRSGTFCLADTCLLLMDKRKD
PSSVDIKKVLLEMRKFRMGLIQTADQLRFSYLAVIEGAKFIMGDSSVQDQWKELSHEDAATLERIEKNFVITDPRLPDNP
IIFASDSFLQLTEYSREEILGRNCRFLQGPETDRATVRKIRDAIDNQTEVTVQLINYTKSGKKFWNLFHLQPMRDQKGDV
QYFIGVQLDGTEHVRDAAEREGVMLIKKTAENIDEAAKELLEHHHHHH
;
_entity_poly.pdbx_strand_id   A
#
# COMPACT_ATOMS: atom_id res chain seq x y z
N GLU A 2 -12.14 -23.94 -3.81
CA GLU A 2 -13.43 -23.51 -3.18
C GLU A 2 -13.67 -22.03 -3.47
N MET A 3 -12.82 -21.14 -2.96
CA MET A 3 -12.75 -19.72 -3.39
C MET A 3 -12.78 -19.66 -4.92
N GLU A 4 -12.12 -20.62 -5.57
CA GLU A 4 -12.03 -20.82 -7.04
C GLU A 4 -13.41 -21.15 -7.62
N LYS A 5 -14.19 -21.94 -6.88
CA LYS A 5 -15.56 -22.35 -7.32
CA LYS A 5 -15.55 -22.35 -7.31
C LYS A 5 -16.46 -21.11 -7.21
N GLU A 6 -16.35 -20.36 -6.11
CA GLU A 6 -17.09 -19.07 -5.91
C GLU A 6 -16.73 -18.08 -7.04
N PHE A 7 -15.45 -18.01 -7.44
CA PHE A 7 -14.93 -17.14 -8.52
C PHE A 7 -15.69 -17.43 -9.84
N GLU A 8 -15.72 -18.70 -10.22
CA GLU A 8 -16.34 -19.17 -11.49
C GLU A 8 -17.85 -18.91 -11.46
N GLN A 9 -18.49 -19.15 -10.31
CA GLN A 9 -19.91 -18.80 -10.05
C GLN A 9 -20.15 -17.32 -10.37
N ILE A 10 -19.41 -16.40 -9.76
CA ILE A 10 -19.61 -14.93 -9.96
C ILE A 10 -19.35 -14.60 -11.44
N ASP A 11 -18.28 -15.15 -12.03
CA ASP A 11 -17.97 -15.03 -13.48
C ASP A 11 -19.19 -15.47 -14.31
N LYS A 12 -19.67 -16.70 -14.08
CA LYS A 12 -20.78 -17.30 -14.88
CA LYS A 12 -20.80 -17.34 -14.83
C LYS A 12 -22.04 -16.45 -14.73
N SER A 13 -22.27 -15.85 -13.55
CA SER A 13 -23.51 -15.10 -13.20
CA SER A 13 -23.51 -15.10 -13.23
C SER A 13 -23.35 -13.61 -13.54
N GLY A 14 -22.14 -13.15 -13.89
CA GLY A 14 -21.85 -11.74 -14.23
C GLY A 14 -22.13 -10.76 -13.10
N SER A 15 -21.84 -11.11 -11.85
CA SER A 15 -22.32 -10.40 -10.63
C SER A 15 -21.20 -9.69 -9.85
N TRP A 16 -20.05 -9.39 -10.48
CA TRP A 16 -18.89 -8.73 -9.81
C TRP A 16 -19.31 -7.36 -9.24
N ALA A 17 -20.06 -6.57 -10.00
CA ALA A 17 -20.54 -5.22 -9.60
C ALA A 17 -21.43 -5.34 -8.35
N ALA A 18 -22.37 -6.29 -8.35
CA ALA A 18 -23.30 -6.54 -7.22
C ALA A 18 -22.49 -6.94 -5.97
N ILE A 19 -21.54 -7.87 -6.09
CA ILE A 19 -20.71 -8.34 -4.95
C ILE A 19 -19.93 -7.15 -4.36
N TYR A 20 -19.35 -6.32 -5.24
CA TYR A 20 -18.50 -5.17 -4.85
C TYR A 20 -19.35 -4.11 -4.16
N GLN A 21 -20.52 -3.77 -4.69
CA GLN A 21 -21.46 -2.79 -4.07
CA GLN A 21 -21.43 -2.77 -4.07
C GLN A 21 -21.82 -3.28 -2.66
N ASP A 22 -22.04 -4.58 -2.49
CA ASP A 22 -22.36 -5.19 -1.16
C ASP A 22 -21.22 -4.92 -0.16
N ILE A 23 -19.97 -5.02 -0.60
CA ILE A 23 -18.78 -4.68 0.23
C ILE A 23 -18.80 -3.18 0.55
N ARG A 24 -19.05 -2.33 -0.44
CA ARG A 24 -19.15 -0.86 -0.22
C ARG A 24 -20.19 -0.57 0.86
N HIS A 25 -21.34 -1.23 0.82
CA HIS A 25 -22.48 -0.97 1.73
C HIS A 25 -22.12 -1.40 3.15
N GLU A 26 -21.40 -2.51 3.33
CA GLU A 26 -21.07 -3.09 4.67
C GLU A 26 -19.82 -2.42 5.27
N ALA A 27 -19.02 -1.70 4.49
CA ALA A 27 -17.71 -1.17 4.94
C ALA A 27 -17.93 -0.22 6.14
N SER A 28 -17.03 -0.32 7.13
CA SER A 28 -16.97 0.55 8.34
C SER A 28 -16.99 2.03 7.93
N ASP A 29 -17.54 2.87 8.80
CA ASP A 29 -17.42 4.35 8.69
C ASP A 29 -16.97 4.91 10.03
N PHE A 30 -15.82 5.57 10.06
CA PHE A 30 -15.22 6.15 11.27
C PHE A 30 -14.87 7.60 10.96
N PRO A 31 -14.78 8.49 11.95
CA PRO A 31 -14.44 9.88 11.67
C PRO A 31 -12.99 10.09 11.19
N CYS A 32 -12.82 11.13 10.39
CA CYS A 32 -11.52 11.65 9.88
CA CYS A 32 -11.52 11.65 9.88
C CYS A 32 -11.42 13.14 10.20
N ARG A 33 -11.64 13.51 11.46
CA ARG A 33 -11.71 14.92 11.94
CA ARG A 33 -11.74 14.94 11.84
C ARG A 33 -10.38 15.61 11.60
N VAL A 34 -9.27 14.94 11.90
CA VAL A 34 -7.93 15.59 11.75
C VAL A 34 -7.64 15.85 10.27
N ALA A 35 -7.90 14.88 9.39
CA ALA A 35 -7.65 14.99 7.92
C ALA A 35 -8.39 16.20 7.35
N LYS A 36 -9.55 16.56 7.92
CA LYS A 36 -10.48 17.59 7.38
C LYS A 36 -10.21 18.97 8.00
N LEU A 37 -9.29 19.12 8.95
CA LEU A 37 -8.92 20.47 9.47
C LEU A 37 -8.40 21.33 8.31
N PRO A 38 -8.83 22.62 8.19
CA PRO A 38 -8.34 23.51 7.13
C PRO A 38 -6.82 23.52 6.96
N LYS A 39 -6.09 23.54 8.08
CA LYS A 39 -4.59 23.56 8.08
CA LYS A 39 -4.60 23.46 8.21
C LYS A 39 -4.03 22.34 7.31
N ASN A 40 -4.80 21.25 7.12
CA ASN A 40 -4.29 19.99 6.49
C ASN A 40 -4.76 19.86 5.04
N LYS A 41 -5.47 20.83 4.46
CA LYS A 41 -6.06 20.69 3.11
CA LYS A 41 -6.06 20.71 3.10
C LYS A 41 -4.94 20.39 2.10
N ASN A 42 -3.78 21.03 2.23
CA ASN A 42 -2.64 20.84 1.28
C ASN A 42 -1.80 19.61 1.63
N ARG A 43 -2.19 18.80 2.63
CA ARG A 43 -1.46 17.54 2.94
C ARG A 43 -2.22 16.35 2.35
N ASN A 44 -3.35 16.60 1.69
CA ASN A 44 -4.27 15.56 1.14
C ASN A 44 -4.28 15.70 -0.39
N ARG A 45 -4.02 14.62 -1.13
CA ARG A 45 -4.07 14.61 -2.60
C ARG A 45 -5.54 14.62 -3.06
N TYR A 46 -6.42 13.85 -2.43
CA TYR A 46 -7.82 13.64 -2.90
C TYR A 46 -8.80 13.93 -1.76
N ARG A 47 -9.82 14.77 -2.01
CA ARG A 47 -10.84 15.18 -1.01
C ARG A 47 -11.58 13.96 -0.45
N ASP A 48 -11.72 12.90 -1.24
CA ASP A 48 -12.55 11.70 -0.92
C ASP A 48 -11.70 10.55 -0.34
N VAL A 49 -10.38 10.72 -0.14
CA VAL A 49 -9.52 9.65 0.49
C VAL A 49 -8.78 10.20 1.71
N SER A 50 -9.26 9.86 2.90
CA SER A 50 -8.75 10.41 4.18
C SER A 50 -8.49 9.24 5.12
N PRO A 51 -7.45 9.32 5.98
CA PRO A 51 -7.24 8.35 7.05
C PRO A 51 -8.24 8.56 8.20
N PHE A 52 -8.74 7.46 8.75
CA PHE A 52 -9.54 7.47 10.00
C PHE A 52 -8.65 8.00 11.13
N ASP A 53 -9.23 8.78 12.04
CA ASP A 53 -8.54 9.27 13.26
C ASP A 53 -7.96 8.08 14.06
N HIS A 54 -8.68 6.98 14.19
CA HIS A 54 -8.31 5.90 15.15
C HIS A 54 -7.05 5.18 14.65
N SER A 55 -6.80 5.14 13.34
CA SER A 55 -5.70 4.32 12.78
C SER A 55 -4.66 5.21 12.08
N ARG A 56 -4.76 6.54 12.15
CA ARG A 56 -3.83 7.38 11.35
C ARG A 56 -2.43 7.23 11.94
N ILE A 57 -1.41 7.41 11.11
CA ILE A 57 0.00 7.55 11.57
C ILE A 57 0.26 8.99 12.03
N LYS A 58 0.78 9.17 13.24
CA LYS A 58 1.16 10.51 13.76
C LYS A 58 2.65 10.77 13.53
N LEU A 59 3.00 11.90 12.91
CA LEU A 59 4.42 12.38 12.84
C LEU A 59 4.81 12.81 14.26
N HIS A 60 6.07 12.64 14.66
CA HIS A 60 6.54 12.94 16.06
C HIS A 60 6.98 14.39 16.15
N GLN A 61 7.78 14.86 15.21
CA GLN A 61 8.44 16.19 15.27
C GLN A 61 7.41 17.21 15.78
N GLU A 62 7.84 17.99 16.79
CA GLU A 62 7.17 19.19 17.35
C GLU A 62 6.57 19.99 16.19
N ASP A 63 5.24 20.08 16.07
CA ASP A 63 4.60 20.80 14.94
C ASP A 63 3.11 20.40 14.79
N ASN A 64 2.73 20.17 13.52
CA ASN A 64 1.55 19.47 12.96
C ASN A 64 1.91 17.99 12.77
N ASP A 65 1.17 17.05 13.37
CA ASP A 65 1.52 15.61 13.34
C ASP A 65 0.85 14.89 12.17
N TYR A 66 0.23 15.62 11.23
CA TYR A 66 -0.67 15.02 10.22
C TYR A 66 0.08 14.55 8.97
N ILE A 67 -0.19 13.31 8.59
CA ILE A 67 0.12 12.76 7.24
C ILE A 67 -1.05 11.87 6.81
N ASN A 68 -1.37 11.85 5.53
CA ASN A 68 -2.42 10.95 4.98
C ASN A 68 -1.86 9.52 4.88
N ALA A 69 -1.96 8.77 5.98
CA ALA A 69 -1.41 7.41 6.13
C ALA A 69 -2.13 6.70 7.28
N SER A 70 -2.35 5.40 7.12
CA SER A 70 -3.12 4.51 8.02
C SER A 70 -2.32 3.25 8.36
N LEU A 71 -2.39 2.80 9.61
CA LEU A 71 -1.81 1.51 10.04
C LEU A 71 -2.88 0.41 9.87
N ILE A 72 -2.67 -0.53 8.95
CA ILE A 72 -3.57 -1.72 8.78
C ILE A 72 -2.95 -2.84 9.64
N LYS A 73 -3.54 -3.19 10.79
CA LYS A 73 -2.94 -4.19 11.70
C LYS A 73 -3.74 -5.50 11.62
N MET A 74 -3.22 -6.53 10.95
CA MET A 74 -3.97 -7.81 10.77
C MET A 74 -3.56 -8.77 11.88
N GLU A 75 -4.47 -9.00 12.82
CA GLU A 75 -4.20 -9.68 14.11
C GLU A 75 -3.89 -11.16 13.86
N GLU A 76 -4.75 -11.91 13.17
CA GLU A 76 -4.56 -13.37 12.95
C GLU A 76 -3.33 -13.63 12.05
N ALA A 77 -3.17 -12.85 10.99
CA ALA A 77 -2.05 -13.05 10.04
C ALA A 77 -0.74 -12.59 10.68
N GLN A 78 -0.80 -11.77 11.74
CA GLN A 78 0.41 -11.17 12.37
C GLN A 78 1.20 -10.40 11.31
N ARG A 79 0.51 -9.61 10.51
CA ARG A 79 1.13 -8.70 9.53
C ARG A 79 0.57 -7.29 9.78
N SER A 80 1.43 -6.28 9.68
CA SER A 80 1.07 -4.83 9.67
C SER A 80 1.52 -4.18 8.36
N TYR A 81 0.75 -3.21 7.88
CA TYR A 81 1.08 -2.40 6.68
C TYR A 81 0.73 -0.93 6.99
N ILE A 82 1.56 -0.01 6.52
CA ILE A 82 1.16 1.41 6.44
C ILE A 82 0.75 1.66 4.99
N LEU A 83 -0.50 2.08 4.80
CA LEU A 83 -0.96 2.55 3.47
C LEU A 83 -1.04 4.08 3.46
N THR A 84 -0.48 4.70 2.42
CA THR A 84 -0.36 6.16 2.29
C THR A 84 -0.59 6.57 0.83
N GLN A 85 -0.89 7.85 0.63
CA GLN A 85 -1.00 8.44 -0.71
C GLN A 85 0.43 8.58 -1.27
N GLY A 86 0.54 8.70 -2.59
CA GLY A 86 1.77 9.16 -3.22
C GLY A 86 2.10 10.55 -2.67
N PRO A 87 3.35 10.78 -2.22
CA PRO A 87 3.76 12.08 -1.71
C PRO A 87 3.46 13.25 -2.66
N LEU A 88 3.10 14.38 -2.06
CA LEU A 88 2.88 15.68 -2.74
C LEU A 88 4.18 16.48 -2.66
N PRO A 89 4.32 17.52 -3.51
CA PRO A 89 5.54 18.32 -3.54
C PRO A 89 5.94 18.84 -2.15
N ASN A 90 4.96 19.08 -1.27
CA ASN A 90 5.16 19.67 0.08
CA ASN A 90 5.20 19.67 0.08
C ASN A 90 5.16 18.58 1.17
N THR A 91 4.97 17.29 0.85
CA THR A 91 4.91 16.20 1.87
C THR A 91 6.01 15.13 1.68
N CYS A 92 7.03 15.35 0.86
CA CYS A 92 8.14 14.36 0.70
C CYS A 92 8.94 14.27 2.01
N GLY A 93 9.15 15.39 2.70
CA GLY A 93 9.86 15.40 4.00
C GLY A 93 9.08 14.65 5.06
N HIS A 94 7.74 14.84 5.08
CA HIS A 94 6.82 14.12 6.01
C HIS A 94 6.90 12.61 5.75
N PHE A 95 6.83 12.21 4.48
CA PHE A 95 6.85 10.79 4.06
C PHE A 95 8.10 10.10 4.63
N TRP A 96 9.27 10.72 4.45
CA TRP A 96 10.54 10.09 4.90
C TRP A 96 10.63 10.13 6.43
N GLU A 97 10.09 11.18 7.05
CA GLU A 97 9.96 11.26 8.53
C GLU A 97 9.16 10.06 9.06
N MET A 98 8.05 9.76 8.41
CA MET A 98 7.21 8.61 8.81
C MET A 98 8.03 7.32 8.67
N VAL A 99 8.76 7.15 7.56
CA VAL A 99 9.55 5.91 7.35
C VAL A 99 10.56 5.77 8.51
N TRP A 100 11.24 6.87 8.85
CA TRP A 100 12.25 6.87 9.94
C TRP A 100 11.57 6.48 11.27
N GLU A 101 10.54 7.21 11.64
CA GLU A 101 9.92 7.15 12.99
C GLU A 101 9.25 5.79 13.17
N GLN A 102 8.72 5.20 12.11
CA GLN A 102 7.99 3.90 12.18
C GLN A 102 8.96 2.72 12.00
N LYS A 103 10.23 2.98 11.70
CA LYS A 103 11.31 1.96 11.58
C LYS A 103 11.02 1.00 10.43
N SER A 104 10.37 1.47 9.37
CA SER A 104 10.13 0.69 8.14
C SER A 104 11.47 0.34 7.46
N ARG A 105 11.51 -0.84 6.85
CA ARG A 105 12.67 -1.37 6.08
C ARG A 105 12.37 -1.25 4.59
N GLY A 106 11.10 -1.28 4.20
CA GLY A 106 10.70 -1.28 2.78
C GLY A 106 9.63 -0.26 2.48
N VAL A 107 9.68 0.27 1.27
CA VAL A 107 8.62 1.10 0.63
C VAL A 107 8.20 0.35 -0.65
N VAL A 108 6.89 0.16 -0.83
CA VAL A 108 6.29 -0.51 -2.01
C VAL A 108 5.50 0.55 -2.79
N MET A 109 5.89 0.77 -4.03
CA MET A 109 5.28 1.79 -4.91
C MET A 109 4.64 1.05 -6.09
N LEU A 110 3.34 1.28 -6.33
CA LEU A 110 2.55 0.50 -7.33
C LEU A 110 2.08 1.41 -8.50
N ASN A 111 2.64 2.59 -8.63
CA ASN A 111 2.27 3.54 -9.72
C ASN A 111 3.55 4.08 -10.37
N ARG A 112 3.41 4.73 -11.52
CA ARG A 112 4.47 5.53 -12.16
C ARG A 112 4.24 6.99 -11.76
N VAL A 113 5.29 7.79 -11.75
CA VAL A 113 5.21 9.22 -11.33
C VAL A 113 4.25 9.93 -12.31
N MET A 114 4.28 9.59 -13.58
CA MET A 114 3.32 10.11 -14.58
C MET A 114 2.50 8.94 -15.12
N GLU A 115 1.17 9.05 -15.09
CA GLU A 115 0.23 8.10 -15.75
C GLU A 115 -0.87 8.92 -16.40
N LYS A 116 -1.35 8.46 -17.55
CA LYS A 116 -2.45 9.14 -18.27
C LYS A 116 -2.07 10.63 -18.49
N GLY A 117 -0.77 10.93 -18.64
CA GLY A 117 -0.25 12.27 -18.94
C GLY A 117 -0.36 13.28 -17.79
N SER A 118 -0.61 12.81 -16.57
CA SER A 118 -0.73 13.65 -15.34
C SER A 118 0.24 13.14 -14.27
N LEU A 119 0.63 14.01 -13.35
CA LEU A 119 1.52 13.65 -12.22
C LEU A 119 0.70 12.96 -11.11
N LYS A 120 1.06 11.74 -10.75
CA LYS A 120 0.32 10.91 -9.77
C LYS A 120 1.05 10.94 -8.43
N CYS A 121 2.31 11.40 -8.44
CA CYS A 121 3.11 11.47 -7.22
C CYS A 121 4.41 12.26 -7.47
N ALA A 122 4.92 12.95 -6.45
CA ALA A 122 6.17 13.73 -6.52
C ALA A 122 7.33 12.76 -6.72
N GLN A 123 8.42 13.25 -7.29
CA GLN A 123 9.69 12.49 -7.45
C GLN A 123 10.37 12.54 -6.09
N TYR A 124 10.08 11.58 -5.21
CA TYR A 124 10.42 11.69 -3.77
C TYR A 124 11.73 10.94 -3.47
N TRP A 125 12.37 10.32 -4.47
CA TRP A 125 13.67 9.62 -4.25
C TRP A 125 14.65 10.12 -5.31
N PRO A 126 15.98 10.07 -5.03
CA PRO A 126 16.99 10.48 -6.01
C PRO A 126 17.18 9.49 -7.15
N GLN A 127 17.41 9.99 -8.36
CA GLN A 127 17.53 9.14 -9.59
C GLN A 127 19.01 8.88 -9.92
N LYS A 128 19.93 9.60 -9.28
CA LYS A 128 21.39 9.43 -9.53
C LYS A 128 22.13 9.38 -8.20
N GLU A 129 23.06 8.43 -8.08
CA GLU A 129 23.91 8.21 -6.89
C GLU A 129 24.51 9.54 -6.43
N GLU A 130 25.10 10.29 -7.38
CA GLU A 130 25.88 11.53 -7.08
C GLU A 130 24.97 12.74 -6.81
N LYS A 131 23.64 12.58 -6.84
CA LYS A 131 22.68 13.71 -6.62
C LYS A 131 21.73 13.35 -5.48
N GLU A 132 22.18 13.47 -4.25
CA GLU A 132 21.36 13.08 -3.07
C GLU A 132 20.28 14.14 -2.86
N MET A 133 19.26 13.83 -2.05
CA MET A 133 18.13 14.74 -1.73
C MET A 133 18.23 15.10 -0.24
N ILE A 134 18.09 16.38 0.08
CA ILE A 134 17.94 16.85 1.48
C ILE A 134 16.51 17.34 1.67
N PHE A 135 15.86 16.89 2.74
CA PHE A 135 14.52 17.37 3.17
C PHE A 135 14.74 18.28 4.39
N GLU A 136 14.76 19.59 4.17
CA GLU A 136 15.21 20.59 5.19
C GLU A 136 14.16 20.70 6.30
N ASP A 137 12.88 20.52 5.97
CA ASP A 137 11.76 20.63 6.95
C ASP A 137 11.85 19.50 7.99
N THR A 138 12.32 18.29 7.65
CA THR A 138 12.37 17.13 8.59
C THR A 138 13.81 16.69 8.90
N ASN A 139 14.81 17.38 8.34
CA ASN A 139 16.27 17.19 8.61
C ASN A 139 16.70 15.76 8.27
N LEU A 140 16.37 15.31 7.05
CA LEU A 140 16.72 13.96 6.53
C LEU A 140 17.49 14.10 5.20
N LYS A 141 18.47 13.22 4.98
CA LYS A 141 19.21 13.07 3.72
C LYS A 141 18.95 11.69 3.14
N LEU A 142 18.71 11.63 1.84
CA LEU A 142 18.37 10.37 1.12
C LEU A 142 19.32 10.22 -0.07
N THR A 143 20.05 9.11 -0.15
CA THR A 143 21.02 8.79 -1.23
C THR A 143 20.58 7.50 -1.96
N LEU A 144 20.62 7.51 -3.30
CA LEU A 144 20.49 6.28 -4.12
C LEU A 144 21.81 5.49 -4.02
N ILE A 145 21.76 4.27 -3.48
CA ILE A 145 22.93 3.38 -3.33
C ILE A 145 23.04 2.46 -4.54
N SER A 146 21.93 1.92 -5.03
CA SER A 146 21.93 0.97 -6.16
C SER A 146 20.53 0.89 -6.75
N GLU A 147 20.43 0.40 -7.98
CA GLU A 147 19.14 0.33 -8.72
C GLU A 147 19.22 -0.88 -9.64
N ASP A 148 18.24 -1.77 -9.57
CA ASP A 148 18.17 -2.99 -10.44
C ASP A 148 16.84 -2.97 -11.20
N ILE A 149 16.87 -2.66 -12.50
CA ILE A 149 15.67 -2.49 -13.37
C ILE A 149 15.37 -3.83 -14.03
N LYS A 150 14.22 -4.44 -13.74
CA LYS A 150 13.75 -5.69 -14.39
C LYS A 150 12.55 -5.32 -15.26
N SER A 151 11.98 -6.27 -16.00
CA SER A 151 10.94 -5.99 -17.01
C SER A 151 9.66 -5.46 -16.34
N TYR A 152 9.27 -5.95 -15.17
CA TYR A 152 7.95 -5.61 -14.54
C TYR A 152 8.13 -4.80 -13.23
N TYR A 153 9.36 -4.68 -12.71
CA TYR A 153 9.62 -3.96 -11.44
C TYR A 153 11.09 -3.52 -11.36
N THR A 154 11.34 -2.52 -10.50
CA THR A 154 12.69 -1.99 -10.18
C THR A 154 12.85 -2.07 -8.66
N VAL A 155 13.98 -2.60 -8.20
CA VAL A 155 14.35 -2.53 -6.75
C VAL A 155 15.51 -1.54 -6.60
N ARG A 156 15.38 -0.61 -5.64
CA ARG A 156 16.46 0.34 -5.29
C ARG A 156 16.89 0.13 -3.84
N GLN A 157 18.19 0.24 -3.58
CA GLN A 157 18.73 0.41 -2.21
C GLN A 157 18.93 1.90 -1.98
N LEU A 158 18.35 2.41 -0.90
CA LEU A 158 18.44 3.84 -0.50
C LEU A 158 19.11 3.89 0.88
N GLU A 159 19.89 4.94 1.14
CA GLU A 159 20.42 5.24 2.48
C GLU A 159 19.68 6.47 3.00
N LEU A 160 18.96 6.31 4.12
CA LEU A 160 18.24 7.39 4.80
C LEU A 160 19.03 7.78 6.06
N GLU A 161 19.42 9.05 6.15
CA GLU A 161 20.22 9.59 7.28
C GLU A 161 19.39 10.63 8.01
N ASN A 162 19.26 10.44 9.32
CA ASN A 162 18.74 11.45 10.26
C ASN A 162 19.88 12.41 10.58
N LEU A 163 19.82 13.61 10.00
CA LEU A 163 20.92 14.61 10.10
C LEU A 163 21.05 15.11 11.54
N THR A 164 20.00 15.00 12.37
CA THR A 164 20.03 15.47 13.78
C THR A 164 20.96 14.57 14.60
N THR A 165 20.90 13.25 14.41
CA THR A 165 21.59 12.20 15.22
C THR A 165 22.74 11.57 14.41
N GLN A 166 22.77 11.76 13.09
CA GLN A 166 23.76 11.16 12.15
C GLN A 166 23.59 9.63 12.06
N GLU A 167 22.51 9.04 12.60
CA GLU A 167 22.17 7.62 12.33
C GLU A 167 21.75 7.46 10.86
N THR A 168 22.07 6.31 10.25
CA THR A 168 21.71 5.96 8.86
C THR A 168 21.03 4.59 8.88
N ARG A 169 20.09 4.38 7.97
CA ARG A 169 19.45 3.06 7.74
C ARG A 169 19.36 2.78 6.24
N GLU A 170 19.46 1.51 5.86
CA GLU A 170 19.19 1.08 4.48
C GLU A 170 17.67 0.89 4.34
N ILE A 171 17.06 1.54 3.35
CA ILE A 171 15.64 1.33 2.96
C ILE A 171 15.61 0.64 1.60
N LEU A 172 14.77 -0.38 1.42
CA LEU A 172 14.57 -1.02 0.10
C LEU A 172 13.31 -0.44 -0.54
N HIS A 173 13.43 -0.02 -1.77
CA HIS A 173 12.32 0.57 -2.59
C HIS A 173 11.91 -0.44 -3.66
N PHE A 174 10.71 -0.99 -3.55
CA PHE A 174 10.16 -2.00 -4.50
C PHE A 174 9.15 -1.27 -5.37
N HIS A 175 9.46 -1.10 -6.65
CA HIS A 175 8.67 -0.25 -7.59
C HIS A 175 8.08 -1.16 -8.67
N TYR A 176 6.78 -1.46 -8.61
CA TYR A 176 6.07 -2.22 -9.67
C TYR A 176 5.73 -1.22 -10.78
N THR A 177 6.29 -1.40 -11.97
CA THR A 177 6.35 -0.36 -13.02
C THR A 177 5.37 -0.64 -14.16
N THR A 178 4.60 -1.74 -14.14
CA THR A 178 3.85 -2.20 -15.35
C THR A 178 2.34 -2.32 -15.08
N TRP A 179 1.81 -1.73 -14.00
CA TRP A 179 0.33 -1.73 -13.84
C TRP A 179 -0.21 -0.87 -14.96
N PRO A 180 -1.19 -1.33 -15.76
CA PRO A 180 -1.65 -0.54 -16.91
C PRO A 180 -2.39 0.75 -16.51
N ASP A 181 -2.33 1.77 -17.38
CA ASP A 181 -2.94 3.12 -17.13
C ASP A 181 -4.44 2.92 -16.85
N PHE A 182 -5.13 2.07 -17.60
CA PHE A 182 -6.56 1.70 -17.38
C PHE A 182 -6.75 0.20 -17.04
N GLY A 183 -7.69 -0.08 -16.16
CA GLY A 183 -8.09 -1.46 -15.78
C GLY A 183 -7.05 -2.14 -14.87
N VAL A 184 -6.99 -3.46 -14.93
CA VAL A 184 -6.12 -4.32 -14.07
C VAL A 184 -5.27 -5.18 -14.99
N PRO A 185 -4.20 -5.83 -14.52
CA PRO A 185 -3.45 -6.75 -15.39
C PRO A 185 -4.30 -7.94 -15.83
N GLU A 186 -3.99 -8.43 -17.03
CA GLU A 186 -4.57 -9.60 -17.72
C GLU A 186 -4.28 -10.84 -16.87
N SER A 187 -3.00 -11.05 -16.51
CA SER A 187 -2.51 -12.15 -15.64
C SER A 187 -2.01 -11.58 -14.32
N PRO A 188 -2.21 -12.27 -13.16
CA PRO A 188 -1.62 -11.87 -11.88
C PRO A 188 -0.16 -12.32 -11.70
N ALA A 189 0.38 -13.06 -12.67
CA ALA A 189 1.70 -13.73 -12.56
C ALA A 189 2.79 -12.73 -12.13
N SER A 190 2.93 -11.58 -12.77
CA SER A 190 4.06 -10.66 -12.49
C SER A 190 3.82 -9.89 -11.18
N PHE A 191 2.57 -9.55 -10.85
CA PHE A 191 2.22 -8.94 -9.54
C PHE A 191 2.58 -9.91 -8.39
N LEU A 192 2.32 -11.20 -8.57
CA LEU A 192 2.64 -12.24 -7.54
C LEU A 192 4.17 -12.37 -7.40
N ASN A 193 4.89 -12.47 -8.52
CA ASN A 193 6.38 -12.49 -8.51
C ASN A 193 6.89 -11.30 -7.71
N PHE A 194 6.31 -10.12 -7.94
CA PHE A 194 6.66 -8.87 -7.23
C PHE A 194 6.41 -9.02 -5.72
N LEU A 195 5.22 -9.49 -5.33
CA LEU A 195 4.87 -9.71 -3.91
C LEU A 195 5.91 -10.65 -3.26
N PHE A 196 6.28 -11.74 -3.91
CA PHE A 196 7.25 -12.72 -3.35
C PHE A 196 8.63 -12.06 -3.25
N LYS A 197 9.01 -11.15 -4.16
CA LYS A 197 10.30 -10.40 -4.06
C LYS A 197 10.31 -9.50 -2.82
N VAL A 198 9.22 -8.79 -2.55
CA VAL A 198 9.10 -7.97 -1.30
C VAL A 198 9.25 -8.88 -0.05
N ARG A 199 8.50 -9.99 -0.01
CA ARG A 199 8.53 -10.98 1.12
C ARG A 199 9.98 -11.43 1.38
N GLU A 200 10.68 -11.83 0.32
CA GLU A 200 12.05 -12.39 0.36
C GLU A 200 13.06 -11.39 0.92
N SER A 201 12.81 -10.09 0.77
CA SER A 201 13.68 -8.99 1.27
C SER A 201 13.70 -8.89 2.82
N GLY A 202 12.70 -9.45 3.52
CA GLY A 202 12.50 -9.26 4.97
C GLY A 202 11.68 -8.02 5.29
N SER A 203 11.27 -7.21 4.30
CA SER A 203 10.57 -5.92 4.51
C SER A 203 9.24 -6.11 5.27
N LEU A 204 8.64 -7.31 5.21
CA LEU A 204 7.29 -7.59 5.77
C LEU A 204 7.41 -8.31 7.11
N SER A 205 8.63 -8.52 7.60
CA SER A 205 8.95 -9.38 8.77
CA SER A 205 8.86 -9.40 8.76
C SER A 205 8.78 -8.61 10.07
N PRO A 206 8.41 -9.29 11.19
CA PRO A 206 8.07 -8.60 12.43
C PRO A 206 9.24 -7.89 13.10
N GLU A 207 10.48 -8.21 12.77
CA GLU A 207 11.67 -7.53 13.37
C GLU A 207 11.76 -6.08 12.84
N HIS A 208 11.04 -5.73 11.78
CA HIS A 208 11.08 -4.34 11.23
C HIS A 208 9.76 -3.65 11.56
N GLY A 209 9.71 -2.32 11.43
CA GLY A 209 8.44 -1.60 11.40
C GLY A 209 7.62 -2.01 10.19
N PRO A 210 6.36 -1.53 10.09
CA PRO A 210 5.47 -1.88 8.99
C PRO A 210 6.00 -1.34 7.66
N VAL A 211 5.84 -2.16 6.62
CA VAL A 211 6.14 -1.80 5.22
C VAL A 211 5.25 -0.59 4.88
N VAL A 212 5.79 0.39 4.16
CA VAL A 212 5.00 1.54 3.62
C VAL A 212 4.61 1.20 2.19
N VAL A 213 3.29 1.17 1.90
CA VAL A 213 2.71 0.84 0.58
C VAL A 213 1.96 2.05 0.06
N HIS A 214 2.21 2.47 -1.18
CA HIS A 214 1.41 3.54 -1.81
C HIS A 214 1.20 3.31 -3.30
N CYS A 215 0.17 3.96 -3.82
CA CYS A 215 -0.08 4.13 -5.26
C CYS A 215 -0.37 5.63 -5.38
N SER A 216 -1.30 6.09 -6.18
CA SER A 216 -1.59 7.55 -6.12
C SER A 216 -2.39 7.86 -4.83
N ALA A 217 -3.53 7.19 -4.61
CA ALA A 217 -4.43 7.49 -3.47
C ALA A 217 -4.09 6.59 -2.26
N GLY A 218 -3.38 5.49 -2.50
CA GLY A 218 -3.10 4.50 -1.42
C GLY A 218 -4.31 3.68 -0.98
N ILE A 219 -5.23 3.32 -1.88
CA ILE A 219 -6.36 2.41 -1.54
C ILE A 219 -6.57 1.31 -2.60
N GLY A 220 -6.36 1.60 -3.88
CA GLY A 220 -6.75 0.70 -4.98
C GLY A 220 -5.75 -0.43 -5.14
N ARG A 221 -4.69 -0.17 -5.90
CA ARG A 221 -3.54 -1.10 -6.09
C ARG A 221 -2.97 -1.47 -4.73
N SER A 222 -2.79 -0.48 -3.84
CA SER A 222 -2.24 -0.69 -2.46
C SER A 222 -3.10 -1.73 -1.72
N GLY A 223 -4.43 -1.59 -1.79
CA GLY A 223 -5.36 -2.53 -1.17
C GLY A 223 -5.16 -3.95 -1.69
N THR A 224 -5.01 -4.08 -3.01
CA THR A 224 -4.86 -5.37 -3.72
C THR A 224 -3.60 -6.06 -3.16
N PHE A 225 -2.51 -5.31 -3.04
CA PHE A 225 -1.22 -5.85 -2.55
C PHE A 225 -1.39 -6.44 -1.13
N CYS A 226 -1.93 -5.68 -0.18
CA CYS A 226 -2.02 -6.12 1.24
CA CYS A 226 -2.00 -6.15 1.23
C CYS A 226 -3.05 -7.25 1.37
N LEU A 227 -4.17 -7.15 0.65
CA LEU A 227 -5.25 -8.18 0.70
C LEU A 227 -4.69 -9.52 0.21
N ALA A 228 -3.96 -9.50 -0.91
CA ALA A 228 -3.40 -10.73 -1.51
C ALA A 228 -2.38 -11.30 -0.52
N ASP A 229 -1.45 -10.51 -0.02
CA ASP A 229 -0.42 -10.97 0.96
C ASP A 229 -1.09 -11.64 2.17
N THR A 230 -2.04 -10.97 2.81
CA THR A 230 -2.69 -11.46 4.04
C THR A 230 -3.47 -12.75 3.76
N CYS A 231 -4.22 -12.81 2.68
CA CYS A 231 -5.04 -14.03 2.38
C CYS A 231 -4.09 -15.24 2.22
N LEU A 232 -3.01 -15.06 1.46
CA LEU A 232 -2.04 -16.17 1.18
C LEU A 232 -1.39 -16.63 2.49
N LEU A 233 -1.04 -15.72 3.39
CA LEU A 233 -0.47 -16.08 4.73
C LEU A 233 -1.49 -16.91 5.50
N LEU A 234 -2.75 -16.47 5.56
CA LEU A 234 -3.77 -17.18 6.35
C LEU A 234 -3.95 -18.62 5.80
N MET A 235 -3.87 -18.81 4.49
CA MET A 235 -4.04 -20.13 3.83
C MET A 235 -2.88 -21.05 4.23
N ASP A 236 -1.71 -20.50 4.52
CA ASP A 236 -0.54 -21.27 5.03
C ASP A 236 -0.66 -21.56 6.53
N LYS A 237 -1.37 -20.72 7.26
CA LYS A 237 -1.41 -20.75 8.75
C LYS A 237 -2.54 -21.66 9.22
N ARG A 238 -3.70 -21.62 8.57
CA ARG A 238 -4.94 -22.30 9.07
C ARG A 238 -4.90 -23.80 8.78
N LYS A 239 -5.52 -24.57 9.66
CA LYS A 239 -5.77 -26.02 9.48
C LYS A 239 -6.66 -26.24 8.25
N ASP A 240 -7.57 -25.30 7.96
CA ASP A 240 -8.50 -25.43 6.81
C ASP A 240 -8.30 -24.22 5.90
N PRO A 241 -7.39 -24.30 4.91
CA PRO A 241 -7.12 -23.14 4.03
C PRO A 241 -8.33 -22.65 3.22
N SER A 242 -9.30 -23.54 2.96
CA SER A 242 -10.53 -23.23 2.19
C SER A 242 -11.45 -22.32 3.02
N SER A 243 -11.19 -22.16 4.32
CA SER A 243 -11.97 -21.29 5.23
C SER A 243 -11.63 -19.81 5.01
N VAL A 244 -10.55 -19.49 4.30
CA VAL A 244 -10.11 -18.07 4.12
C VAL A 244 -11.13 -17.38 3.21
N ASP A 245 -11.83 -16.35 3.70
CA ASP A 245 -12.91 -15.64 2.98
C ASP A 245 -12.39 -14.25 2.61
N ILE A 246 -12.08 -14.05 1.34
CA ILE A 246 -11.40 -12.82 0.87
C ILE A 246 -12.30 -11.61 1.19
N LYS A 247 -13.62 -11.76 1.11
CA LYS A 247 -14.55 -10.65 1.39
C LYS A 247 -14.47 -10.30 2.88
N LYS A 248 -14.38 -11.31 3.76
CA LYS A 248 -14.25 -11.07 5.22
C LYS A 248 -12.94 -10.37 5.50
N VAL A 249 -11.86 -10.80 4.83
CA VAL A 249 -10.53 -10.20 5.11
C VAL A 249 -10.57 -8.74 4.65
N LEU A 250 -11.19 -8.48 3.50
CA LEU A 250 -11.21 -7.09 2.95
C LEU A 250 -12.03 -6.18 3.88
N LEU A 251 -13.18 -6.65 4.38
CA LEU A 251 -14.01 -5.86 5.33
C LEU A 251 -13.18 -5.56 6.61
N GLU A 252 -12.43 -6.53 7.14
CA GLU A 252 -11.51 -6.34 8.29
C GLU A 252 -10.51 -5.22 7.97
N MET A 253 -9.85 -5.29 6.82
CA MET A 253 -8.86 -4.27 6.44
C MET A 253 -9.53 -2.90 6.31
N ARG A 254 -10.76 -2.86 5.85
CA ARG A 254 -11.50 -1.59 5.64
C ARG A 254 -11.87 -0.95 6.99
N LYS A 255 -11.68 -1.65 8.12
CA LYS A 255 -11.86 -1.02 9.45
C LYS A 255 -10.74 0.01 9.69
N PHE A 256 -9.63 -0.10 8.97
CA PHE A 256 -8.38 0.68 9.21
C PHE A 256 -8.16 1.76 8.16
N ARG A 257 -8.63 1.59 6.92
CA ARG A 257 -8.52 2.64 5.88
C ARG A 257 -9.68 2.48 4.91
N MET A 258 -10.30 3.60 4.54
CA MET A 258 -11.49 3.59 3.65
C MET A 258 -11.09 3.16 2.25
N GLY A 259 -12.04 2.55 1.53
CA GLY A 259 -12.01 2.53 0.05
C GLY A 259 -11.03 1.53 -0.53
N LEU A 260 -10.40 0.68 0.28
CA LEU A 260 -9.48 -0.37 -0.23
C LEU A 260 -10.21 -1.22 -1.27
N ILE A 261 -9.60 -1.36 -2.44
CA ILE A 261 -10.20 -1.94 -3.68
C ILE A 261 -11.24 -0.95 -4.20
N GLN A 262 -10.94 -0.28 -5.31
CA GLN A 262 -11.69 0.90 -5.84
C GLN A 262 -12.72 0.50 -6.92
N THR A 263 -12.63 -0.70 -7.52
CA THR A 263 -13.50 -1.16 -8.64
C THR A 263 -13.83 -2.64 -8.51
N ALA A 264 -14.93 -3.07 -9.13
CA ALA A 264 -15.29 -4.49 -9.28
C ALA A 264 -14.13 -5.25 -9.94
N ASP A 265 -13.47 -4.67 -10.94
CA ASP A 265 -12.34 -5.31 -11.67
C ASP A 265 -11.18 -5.57 -10.73
N GLN A 266 -10.89 -4.63 -9.82
CA GLN A 266 -9.83 -4.78 -8.78
C GLN A 266 -10.22 -5.91 -7.82
N LEU A 267 -11.50 -6.03 -7.49
CA LEU A 267 -11.97 -7.14 -6.62
C LEU A 267 -11.70 -8.46 -7.34
N ARG A 268 -12.14 -8.57 -8.59
CA ARG A 268 -11.97 -9.79 -9.43
C ARG A 268 -10.48 -10.16 -9.50
N PHE A 269 -9.62 -9.17 -9.73
CA PHE A 269 -8.15 -9.35 -9.88
C PHE A 269 -7.57 -9.90 -8.57
N SER A 270 -8.04 -9.41 -7.42
CA SER A 270 -7.59 -9.85 -6.08
C SER A 270 -7.89 -11.34 -5.91
N TYR A 271 -9.13 -11.76 -6.19
CA TYR A 271 -9.53 -13.20 -6.19
C TYR A 271 -8.55 -13.96 -7.07
N LEU A 272 -8.28 -13.46 -8.27
CA LEU A 272 -7.44 -14.13 -9.28
C LEU A 272 -6.02 -14.31 -8.73
N ALA A 273 -5.45 -13.27 -8.12
CA ALA A 273 -4.08 -13.30 -7.54
C ALA A 273 -3.98 -14.33 -6.40
N VAL A 274 -4.96 -14.35 -5.50
CA VAL A 274 -4.95 -15.28 -4.32
C VAL A 274 -5.10 -16.72 -4.83
N ILE A 275 -6.04 -16.96 -5.73
CA ILE A 275 -6.28 -18.31 -6.32
C ILE A 275 -4.97 -18.81 -6.97
N GLU A 276 -4.32 -18.00 -7.81
CA GLU A 276 -3.07 -18.40 -8.50
C GLU A 276 -1.91 -18.49 -7.47
N GLY A 277 -1.85 -17.54 -6.54
CA GLY A 277 -0.76 -17.48 -5.55
C GLY A 277 -0.72 -18.73 -4.68
N ALA A 278 -1.88 -19.28 -4.34
CA ALA A 278 -2.05 -20.45 -3.46
C ALA A 278 -1.50 -21.72 -4.13
N LYS A 279 -1.63 -21.81 -5.46
CA LYS A 279 -1.10 -22.96 -6.26
C LYS A 279 0.42 -22.92 -6.26
N PHE A 280 1.04 -21.73 -6.26
CA PHE A 280 2.52 -21.58 -6.25
C PHE A 280 3.06 -22.01 -4.89
N ILE A 281 2.36 -21.69 -3.80
CA ILE A 281 2.69 -22.11 -2.40
C ILE A 281 2.10 -23.51 -2.15
N MET A 282 2.62 -24.52 -2.86
CA MET A 282 2.22 -25.95 -2.73
C MET A 282 3.38 -26.83 -3.18
#